data_1OB2
#
_entry.id   1OB2
#
_cell.length_a   196.410
_cell.length_b   196.410
_cell.length_c   196.410
_cell.angle_alpha   90.00
_cell.angle_beta   90.00
_cell.angle_gamma   90.00
#
_symmetry.space_group_name_H-M   'P 41 3 2'
#
loop_
_entity.id
_entity.type
_entity.pdbx_description
1 polymer 'ELONGATION FACTOR TU'
2 polymer 'TRANSFER-RNA, PHE'
3 branched beta-D-fructofuranose-(2-1)-alpha-D-glucopyranose
4 non-polymer KIRROMYCIN
5 non-polymer 'PHOSPHOAMINOPHOSPHONIC ACID-GUANYLATE ESTER'
6 non-polymer 'MAGNESIUM ION'
#
loop_
_entity_poly.entity_id
_entity_poly.type
_entity_poly.pdbx_seq_one_letter_code
_entity_poly.pdbx_strand_id
1 'polypeptide(L)'
;AKEKFERTKPHVNVGTIGHVDHGKTTLTAAITTVLAKTYGGAARAFDQIDNAPEEKARGITINTSHVEYDTPTRHYAHVD
CPGHADYVKNMITGAAQMDGAILVVAATDGPMPQTREHILLGRQVGVPYIIVFLNKCDMVDDEELLELVEMEVRELLSQY
DFPGDDTPIVRGSALKALEGDAEWEAKILELAGFLDSYIPEPERAIDKPFLLPIEDVFSISGRGTVVTGRVERGIIKVGE
EVEIVGIKETQKSTCTGVEMFRKLLDEGRAGENVGVLLRGIKREEIERGQVLAKPGTIKPHTKFESEVYILSKDEGGRHT
PFFKGYRPQFYFRTTDVTGTIELPEGVEMVMPGDNIKMVVTLIHPIAMDDGLRFAIREGGRTVGAGVVAKVLS
;
A
2 'polyribonucleotide'
;GCGGAUUUA(2MG)CUCAG(H2U)(H2U)GGGAGAGC(M2G)CCAGA(OMC)U(OMG)AA(YG)A(PSU)(5MC)UGGAG
(7MG)UC(5MC)UGUGU(PSU)CG(1MA)UCCACAGAAUUCGCACCA(PHA)
;
B
#
loop_
_chem_comp.id
_chem_comp.type
_chem_comp.name
_chem_comp.formula
1MA RNA linking 6-HYDRO-1-METHYLADENOSINE-5'-MONOPHOSPHATE 'C11 H16 N5 O7 P'
2MG RNA linking 2N-METHYLGUANOSINE-5'-MONOPHOSPHATE 'C11 H16 N5 O8 P'
5MC RNA linking 5-METHYLCYTIDINE-5'-MONOPHOSPHATE 'C10 H16 N3 O8 P'
7MG RNA linking 7N-METHYL-8-HYDROGUANOSINE-5'-MONOPHOSPHATE 'C11 H18 N5 O8 P'
A RNA linking ADENOSINE-5'-MONOPHOSPHATE 'C10 H14 N5 O7 P'
C RNA linking CYTIDINE-5'-MONOPHOSPHATE 'C9 H14 N3 O8 P'
FRU D-saccharide, beta linking beta-D-fructofuranose 'C6 H12 O6'
G RNA linking GUANOSINE-5'-MONOPHOSPHATE 'C10 H14 N5 O8 P'
GLC D-saccharide, alpha linking alpha-D-glucopyranose 'C6 H12 O6'
GNP non-polymer 'PHOSPHOAMINOPHOSPHONIC ACID-GUANYLATE ESTER' 'C10 H17 N6 O13 P3'
H2U RNA linking 5,6-DIHYDROURIDINE-5'-MONOPHOSPHATE 'C9 H15 N2 O9 P'
KIR non-polymer KIRROMYCIN 'C43 H60 N2 O12'
M2G RNA linking N2-DIMETHYLGUANOSINE-5'-MONOPHOSPHATE 'C12 H18 N5 O8 P'
MG non-polymer 'MAGNESIUM ION' 'Mg 2'
OMC RNA linking O2'-METHYLYCYTIDINE-5'-MONOPHOSPHATE 'C10 H16 N3 O8 P'
OMG RNA linking O2'-METHYLGUANOSINE-5'-MONOPHOSPHATE 'C11 H16 N5 O8 P'
PSU RNA linking PSEUDOURIDINE-5'-MONOPHOSPHATE 'C9 H13 N2 O9 P'
U RNA linking URIDINE-5'-MONOPHOSPHATE 'C9 H13 N2 O9 P'
YG RNA linking WYBUTOSINE 'C21 H29 N6 O12 P'
#
# COMPACT_ATOMS: atom_id res chain seq x y z
N ALA A 1 -25.45 2.21 -1.39
CA ALA A 1 -25.73 0.75 -1.62
C ALA A 1 -26.65 0.23 -0.51
N LYS A 2 -27.38 -0.85 -0.81
CA LYS A 2 -28.30 -1.41 0.17
C LYS A 2 -27.95 -2.75 0.78
N GLU A 3 -26.76 -3.29 0.54
CA GLU A 3 -26.45 -4.54 1.21
C GLU A 3 -26.32 -4.16 2.66
N LYS A 4 -25.26 -4.55 3.33
CA LYS A 4 -25.14 -4.19 4.73
C LYS A 4 -23.73 -4.27 5.27
N PHE A 5 -23.07 -5.36 4.93
CA PHE A 5 -21.74 -5.65 5.45
C PHE A 5 -21.80 -5.67 6.96
N GLU A 6 -21.90 -6.87 7.53
CA GLU A 6 -21.97 -7.01 8.95
C GLU A 6 -20.63 -7.51 9.43
N ARG A 7 -20.13 -6.89 10.49
CA ARG A 7 -18.83 -7.25 11.03
C ARG A 7 -18.77 -8.73 11.47
N THR A 8 -17.55 -9.27 11.46
CA THR A 8 -17.23 -10.65 11.85
C THR A 8 -15.73 -10.81 11.55
N LYS A 9 -14.98 -11.40 12.49
CA LYS A 9 -13.54 -11.61 12.26
C LYS A 9 -12.78 -10.29 12.17
N PRO A 10 -11.47 -10.30 12.46
CA PRO A 10 -10.73 -9.04 12.35
C PRO A 10 -10.64 -8.74 10.86
N HIS A 11 -10.32 -7.50 10.50
CA HIS A 11 -10.21 -7.16 9.10
C HIS A 11 -8.78 -6.89 8.78
N VAL A 12 -8.22 -7.78 7.99
CA VAL A 12 -6.83 -7.66 7.59
C VAL A 12 -6.83 -7.34 6.11
N ASN A 13 -6.11 -6.29 5.71
CA ASN A 13 -6.04 -5.94 4.29
C ASN A 13 -4.63 -6.30 3.86
N VAL A 14 -4.55 -6.96 2.70
CA VAL A 14 -3.30 -7.42 2.15
C VAL A 14 -3.27 -7.28 0.62
N GLY A 15 -2.16 -7.68 0.01
CA GLY A 15 -2.04 -7.57 -1.43
C GLY A 15 -0.91 -8.35 -2.09
N THR A 16 -0.75 -8.07 -3.39
CA THR A 16 0.25 -8.71 -4.24
C THR A 16 1.28 -7.78 -4.87
N ILE A 17 2.56 -8.09 -4.64
CA ILE A 17 3.66 -7.34 -5.24
C ILE A 17 4.54 -8.34 -5.97
N GLY A 18 5.69 -7.87 -6.48
CA GLY A 18 6.55 -8.79 -7.17
C GLY A 18 6.85 -8.37 -8.59
N HIS A 19 7.86 -9.01 -9.19
CA HIS A 19 8.26 -8.70 -10.54
C HIS A 19 7.10 -8.77 -11.51
N VAL A 20 7.33 -8.25 -12.71
CA VAL A 20 6.30 -8.21 -13.72
C VAL A 20 5.98 -9.56 -14.30
N ASP A 21 5.06 -9.53 -15.27
CA ASP A 21 4.59 -10.70 -15.99
C ASP A 21 4.48 -12.06 -15.30
N HIS A 22 4.73 -12.15 -13.99
CA HIS A 22 4.59 -13.48 -13.45
C HIS A 22 3.78 -13.72 -12.18
N GLY A 23 2.46 -13.78 -12.34
CA GLY A 23 1.56 -14.06 -11.23
C GLY A 23 0.59 -12.99 -10.73
N LYS A 24 1.08 -12.17 -9.80
CA LYS A 24 0.31 -11.09 -9.20
C LYS A 24 -1.15 -11.01 -9.62
N THR A 25 -1.40 -10.23 -10.66
CA THR A 25 -2.76 -9.99 -11.12
C THR A 25 -3.65 -11.17 -11.44
N THR A 26 -3.08 -12.33 -11.75
CA THR A 26 -3.94 -13.47 -12.03
C THR A 26 -4.15 -14.24 -10.75
N LEU A 27 -3.12 -14.29 -9.91
CA LEU A 27 -3.23 -14.98 -8.63
C LEU A 27 -4.39 -14.35 -7.86
N THR A 28 -4.51 -13.03 -7.96
CA THR A 28 -5.58 -12.32 -7.27
C THR A 28 -6.92 -12.89 -7.66
N ALA A 29 -7.23 -12.88 -8.94
CA ALA A 29 -8.50 -13.46 -9.39
C ALA A 29 -8.66 -14.84 -8.79
N ALA A 30 -7.64 -15.69 -9.00
CA ALA A 30 -7.67 -17.05 -8.46
C ALA A 30 -8.24 -17.01 -7.04
N ILE A 31 -7.43 -16.54 -6.09
CA ILE A 31 -7.86 -16.43 -4.68
C ILE A 31 -9.35 -16.07 -4.59
N THR A 32 -9.77 -15.02 -5.30
CA THR A 32 -11.15 -14.62 -5.23
C THR A 32 -12.12 -15.66 -5.77
N THR A 33 -11.76 -16.36 -6.85
CA THR A 33 -12.66 -17.37 -7.41
C THR A 33 -12.57 -18.70 -6.68
N VAL A 34 -11.37 -19.05 -6.24
CA VAL A 34 -11.19 -20.29 -5.50
C VAL A 34 -12.09 -20.14 -4.31
N LEU A 35 -11.67 -19.29 -3.39
CA LEU A 35 -12.41 -19.03 -2.17
C LEU A 35 -13.90 -18.79 -2.35
N ALA A 36 -14.34 -18.38 -3.53
CA ALA A 36 -15.76 -18.16 -3.73
C ALA A 36 -16.50 -19.48 -3.75
N LYS A 37 -15.89 -20.49 -3.15
CA LYS A 37 -16.48 -21.82 -3.10
C LYS A 37 -15.94 -22.55 -1.90
N THR A 38 -14.63 -22.68 -1.81
CA THR A 38 -14.03 -23.36 -0.68
C THR A 38 -14.33 -22.62 0.65
N TYR A 39 -15.17 -21.59 0.59
CA TYR A 39 -15.56 -20.76 1.74
C TYR A 39 -16.72 -19.85 1.30
N GLY A 40 -17.22 -20.12 0.09
CA GLY A 40 -18.33 -19.39 -0.52
C GLY A 40 -18.48 -17.88 -0.48
N GLY A 41 -17.53 -17.15 -1.05
CA GLY A 41 -17.63 -15.69 -1.05
C GLY A 41 -18.40 -15.11 -2.23
N ALA A 42 -17.66 -14.61 -3.21
CA ALA A 42 -18.18 -14.00 -4.44
C ALA A 42 -16.94 -13.53 -5.20
N ALA A 43 -16.61 -14.26 -6.27
CA ALA A 43 -15.42 -13.99 -7.07
C ALA A 43 -15.54 -13.08 -8.30
N ARG A 44 -14.38 -12.78 -8.88
CA ARG A 44 -14.25 -11.94 -10.06
C ARG A 44 -13.06 -12.43 -10.89
N ALA A 45 -13.01 -12.04 -12.16
CA ALA A 45 -11.95 -12.49 -13.06
C ALA A 45 -10.92 -11.46 -13.49
N PHE A 46 -9.97 -11.92 -14.29
CA PHE A 46 -8.92 -11.04 -14.80
C PHE A 46 -9.62 -9.84 -15.44
N ASP A 47 -10.38 -10.13 -16.49
CA ASP A 47 -11.15 -9.13 -17.21
C ASP A 47 -11.67 -8.06 -16.26
N GLN A 48 -11.99 -8.46 -15.02
CA GLN A 48 -12.52 -7.54 -14.03
C GLN A 48 -11.48 -6.86 -13.16
N ILE A 49 -10.34 -7.52 -12.95
CA ILE A 49 -9.29 -6.92 -12.13
C ILE A 49 -8.49 -5.89 -12.93
N ASP A 50 -8.00 -6.27 -14.10
CA ASP A 50 -7.31 -5.32 -14.96
C ASP A 50 -8.38 -4.76 -15.91
N ASN A 51 -9.45 -4.22 -15.33
CA ASN A 51 -10.57 -3.65 -16.07
C ASN A 51 -10.21 -2.55 -17.06
N ALA A 52 -9.20 -1.78 -16.72
CA ALA A 52 -8.74 -0.67 -17.55
C ALA A 52 -8.32 -1.13 -18.94
N PRO A 53 -8.80 -0.42 -19.97
CA PRO A 53 -8.47 -0.76 -21.36
C PRO A 53 -6.99 -0.76 -21.64
N GLU A 54 -6.25 0.26 -21.21
CA GLU A 54 -4.83 0.25 -21.49
C GLU A 54 -4.17 -1.00 -20.94
N GLU A 55 -4.69 -1.48 -19.81
CA GLU A 55 -4.15 -2.68 -19.18
C GLU A 55 -4.52 -3.89 -20.05
N LYS A 56 -5.64 -3.78 -20.75
CA LYS A 56 -6.08 -4.88 -21.59
C LYS A 56 -5.29 -4.98 -22.88
N ALA A 57 -5.02 -3.84 -23.50
CA ALA A 57 -4.27 -3.84 -24.75
C ALA A 57 -2.78 -4.00 -24.50
N ARG A 58 -2.29 -3.41 -23.41
CA ARG A 58 -0.88 -3.51 -23.08
C ARG A 58 -0.59 -4.76 -22.29
N GLY A 59 -1.64 -5.33 -21.70
CA GLY A 59 -1.51 -6.55 -20.89
C GLY A 59 -0.50 -6.39 -19.78
N ILE A 60 -0.70 -5.42 -18.89
CA ILE A 60 0.29 -5.21 -17.87
C ILE A 60 -0.04 -4.58 -16.51
N THR A 61 -1.30 -4.23 -16.26
CA THR A 61 -1.62 -3.65 -14.94
C THR A 61 -0.87 -2.34 -14.65
N ILE A 62 -1.61 -1.23 -14.66
CA ILE A 62 -1.02 0.07 -14.43
C ILE A 62 -1.35 0.64 -13.06
N ASN A 63 -2.61 0.61 -12.67
CA ASN A 63 -2.98 1.13 -11.36
C ASN A 63 -3.50 0.01 -10.49
N THR A 64 -3.20 0.09 -9.21
CA THR A 64 -3.64 -0.92 -8.27
C THR A 64 -5.16 -0.95 -8.33
N SER A 65 -5.74 -2.07 -7.94
CA SER A 65 -7.19 -2.21 -7.93
C SER A 65 -7.51 -3.01 -6.70
N HIS A 66 -8.61 -2.67 -6.03
CA HIS A 66 -8.98 -3.38 -4.81
C HIS A 66 -9.91 -4.54 -5.06
N VAL A 67 -9.78 -5.57 -4.23
CA VAL A 67 -10.60 -6.75 -4.38
C VAL A 67 -10.80 -7.36 -3.01
N GLU A 68 -11.95 -7.99 -2.79
CA GLU A 68 -12.19 -8.60 -1.49
C GLU A 68 -12.50 -10.10 -1.54
N TYR A 69 -12.22 -10.76 -0.43
CA TYR A 69 -12.49 -12.17 -0.28
C TYR A 69 -12.45 -12.57 1.19
N ASP A 70 -13.26 -13.57 1.57
CA ASP A 70 -13.34 -14.05 2.95
C ASP A 70 -12.69 -15.40 3.27
N THR A 71 -12.02 -15.46 4.42
CA THR A 71 -11.39 -16.69 4.92
C THR A 71 -12.38 -17.05 6.04
N PRO A 72 -12.05 -18.00 6.94
CA PRO A 72 -13.08 -18.25 7.96
C PRO A 72 -12.82 -17.52 9.27
N THR A 73 -11.57 -17.15 9.49
CA THR A 73 -11.17 -16.48 10.71
C THR A 73 -10.73 -15.02 10.54
N ARG A 74 -10.77 -14.51 9.30
CA ARG A 74 -10.37 -13.13 9.02
C ARG A 74 -11.11 -12.57 7.82
N HIS A 75 -10.95 -11.27 7.61
CA HIS A 75 -11.56 -10.60 6.48
C HIS A 75 -10.43 -10.02 5.65
N TYR A 76 -10.54 -10.11 4.33
CA TYR A 76 -9.45 -9.61 3.52
C TYR A 76 -9.75 -8.54 2.49
N ALA A 77 -8.92 -7.49 2.50
CA ALA A 77 -9.01 -6.42 1.53
C ALA A 77 -7.74 -6.62 0.72
N HIS A 78 -7.89 -6.96 -0.55
CA HIS A 78 -6.73 -7.24 -1.37
C HIS A 78 -6.46 -6.20 -2.42
N VAL A 79 -5.20 -5.80 -2.50
CA VAL A 79 -4.79 -4.82 -3.49
C VAL A 79 -3.74 -5.39 -4.43
N ASP A 80 -4.02 -5.30 -5.71
CA ASP A 80 -3.14 -5.83 -6.74
C ASP A 80 -2.20 -4.74 -7.24
N CYS A 81 -0.91 -4.93 -7.03
CA CYS A 81 0.06 -3.95 -7.47
C CYS A 81 0.59 -4.24 -8.87
N PRO A 82 1.15 -3.20 -9.50
CA PRO A 82 1.71 -3.32 -10.84
C PRO A 82 3.20 -3.53 -10.68
N GLY A 83 3.73 -4.53 -11.36
CA GLY A 83 5.15 -4.81 -11.26
C GLY A 83 5.99 -3.95 -12.16
N HIS A 84 5.40 -3.40 -13.21
CA HIS A 84 6.15 -2.57 -14.15
C HIS A 84 6.95 -1.52 -13.41
N ALA A 85 8.19 -1.34 -13.85
CA ALA A 85 9.07 -0.37 -13.21
C ALA A 85 8.51 1.04 -13.23
N ASP A 86 7.86 1.37 -14.33
CA ASP A 86 7.30 2.69 -14.50
C ASP A 86 6.29 3.07 -13.46
N TYR A 87 5.67 2.07 -12.84
CA TYR A 87 4.65 2.40 -11.85
C TYR A 87 4.93 2.20 -10.35
N VAL A 88 6.14 1.81 -9.98
CA VAL A 88 6.45 1.60 -8.57
C VAL A 88 5.80 2.66 -7.69
N LYS A 89 5.84 3.89 -8.14
CA LYS A 89 5.23 4.97 -7.37
C LYS A 89 3.78 4.63 -7.05
N ASN A 90 3.10 4.04 -8.02
CA ASN A 90 1.70 3.65 -7.90
C ASN A 90 1.51 2.55 -6.89
N MET A 91 2.41 1.56 -6.87
CA MET A 91 2.29 0.45 -5.93
C MET A 91 2.83 0.87 -4.56
N ILE A 92 3.87 1.69 -4.56
CA ILE A 92 4.43 2.16 -3.29
C ILE A 92 3.30 2.57 -2.37
N THR A 93 2.40 3.41 -2.87
CA THR A 93 1.29 3.88 -2.07
C THR A 93 0.40 2.73 -1.64
N GLY A 94 0.14 1.80 -2.55
CA GLY A 94 -0.71 0.67 -2.21
C GLY A 94 -0.13 -0.24 -1.16
N ALA A 95 1.17 -0.45 -1.24
CA ALA A 95 1.80 -1.32 -0.27
C ALA A 95 1.93 -0.59 1.05
N ALA A 96 2.27 0.69 1.00
CA ALA A 96 2.46 1.47 2.22
C ALA A 96 1.39 1.28 3.28
N GLN A 97 0.18 0.87 2.86
CA GLN A 97 -0.93 0.65 3.80
C GLN A 97 -1.31 -0.81 3.90
N MET A 98 -0.35 -1.70 3.69
CA MET A 98 -0.58 -3.15 3.74
C MET A 98 -0.19 -3.81 5.05
N ASP A 99 -1.04 -4.70 5.53
CA ASP A 99 -0.81 -5.41 6.78
C ASP A 99 0.19 -6.52 6.65
N GLY A 100 0.26 -7.09 5.45
CA GLY A 100 1.17 -8.17 5.14
C GLY A 100 1.12 -8.26 3.64
N ALA A 101 2.15 -8.81 3.00
CA ALA A 101 2.14 -8.86 1.55
C ALA A 101 2.56 -10.17 0.94
N ILE A 102 1.76 -10.61 -0.04
CA ILE A 102 2.04 -11.84 -0.76
C ILE A 102 3.01 -11.46 -1.86
N LEU A 103 4.24 -11.93 -1.78
CA LEU A 103 5.22 -11.63 -2.81
C LEU A 103 5.23 -12.75 -3.83
N VAL A 104 4.51 -12.59 -4.95
CA VAL A 104 4.44 -13.63 -5.97
C VAL A 104 5.69 -13.69 -6.88
N VAL A 105 6.28 -14.88 -6.98
CA VAL A 105 7.48 -15.10 -7.78
C VAL A 105 7.35 -16.36 -8.63
N ALA A 106 7.60 -16.22 -9.92
CA ALA A 106 7.50 -17.34 -10.87
C ALA A 106 8.63 -18.36 -10.74
N ALA A 107 8.23 -19.62 -10.73
CA ALA A 107 9.15 -20.75 -10.60
C ALA A 107 10.21 -20.71 -11.68
N THR A 108 9.75 -20.53 -12.90
CA THR A 108 10.59 -20.48 -14.08
C THR A 108 11.79 -19.53 -14.01
N ASP A 109 11.54 -18.23 -14.00
CA ASP A 109 12.63 -17.26 -13.97
C ASP A 109 13.29 -17.12 -12.61
N GLY A 110 12.49 -16.88 -11.58
CA GLY A 110 13.04 -16.70 -10.25
C GLY A 110 13.27 -15.23 -9.97
N PRO A 111 14.07 -14.89 -8.96
CA PRO A 111 14.36 -13.49 -8.64
C PRO A 111 14.71 -12.64 -9.86
N MET A 112 14.03 -11.52 -10.02
CA MET A 112 14.29 -10.62 -11.13
C MET A 112 14.37 -9.21 -10.56
N PRO A 113 14.73 -8.24 -11.40
CA PRO A 113 14.83 -6.84 -10.96
C PRO A 113 13.66 -6.36 -10.13
N GLN A 114 12.49 -6.29 -10.74
CA GLN A 114 11.30 -5.84 -10.05
C GLN A 114 10.96 -6.60 -8.77
N THR A 115 11.59 -7.74 -8.57
CA THR A 115 11.36 -8.51 -7.35
C THR A 115 12.23 -7.94 -6.24
N ARG A 116 13.49 -7.63 -6.52
CA ARG A 116 14.30 -7.06 -5.47
C ARG A 116 13.68 -5.69 -5.12
N GLU A 117 13.50 -4.83 -6.12
CA GLU A 117 12.93 -3.49 -5.95
C GLU A 117 11.75 -3.45 -5.00
N HIS A 118 10.76 -4.32 -5.25
CA HIS A 118 9.55 -4.39 -4.43
C HIS A 118 9.83 -4.81 -3.00
N ILE A 119 10.60 -5.87 -2.84
CA ILE A 119 10.92 -6.34 -1.51
C ILE A 119 11.59 -5.23 -0.74
N LEU A 120 12.54 -4.54 -1.37
CA LEU A 120 13.22 -3.43 -0.68
C LEU A 120 12.22 -2.35 -0.38
N LEU A 121 11.46 -1.94 -1.39
CA LEU A 121 10.46 -0.91 -1.16
C LEU A 121 9.49 -1.37 -0.09
N GLY A 122 9.31 -2.68 0.01
CA GLY A 122 8.42 -3.18 1.04
C GLY A 122 9.11 -2.83 2.34
N ARG A 123 10.14 -3.60 2.68
CA ARG A 123 10.90 -3.36 3.88
C ARG A 123 10.95 -1.85 4.21
N GLN A 124 11.15 -1.00 3.20
CA GLN A 124 11.25 0.45 3.42
C GLN A 124 9.97 1.14 3.83
N VAL A 125 8.85 0.74 3.27
CA VAL A 125 7.59 1.33 3.65
C VAL A 125 7.23 0.51 4.89
N GLY A 126 6.00 0.56 5.38
CA GLY A 126 5.66 -0.23 6.56
C GLY A 126 5.77 -1.76 6.50
N VAL A 127 4.82 -2.39 5.81
CA VAL A 127 4.72 -3.85 5.64
C VAL A 127 5.58 -4.69 6.58
N PRO A 128 4.92 -5.45 7.45
CA PRO A 128 5.57 -6.32 8.44
C PRO A 128 5.71 -7.79 8.12
N TYR A 129 4.98 -8.28 7.12
CA TYR A 129 5.08 -9.70 6.77
C TYR A 129 4.94 -10.04 5.29
N ILE A 130 5.81 -10.93 4.82
CA ILE A 130 5.76 -11.37 3.44
C ILE A 130 5.60 -12.88 3.33
N ILE A 131 4.69 -13.29 2.46
CA ILE A 131 4.45 -14.70 2.22
C ILE A 131 4.76 -14.93 0.74
N VAL A 132 5.89 -15.57 0.46
CA VAL A 132 6.31 -15.85 -0.91
C VAL A 132 5.44 -16.91 -1.58
N PHE A 133 5.10 -16.71 -2.84
CA PHE A 133 4.28 -17.67 -3.56
C PHE A 133 4.91 -18.02 -4.91
N LEU A 134 5.57 -19.18 -4.99
CA LEU A 134 6.19 -19.65 -6.23
C LEU A 134 5.06 -19.92 -7.20
N ASN A 135 5.08 -19.24 -8.33
CA ASN A 135 4.01 -19.39 -9.31
C ASN A 135 4.52 -20.08 -10.55
N LYS A 136 3.57 -20.52 -11.37
CA LYS A 136 3.84 -21.20 -12.61
C LYS A 136 4.55 -22.54 -12.37
N CYS A 137 4.19 -23.22 -11.28
CA CYS A 137 4.80 -24.49 -10.99
C CYS A 137 4.31 -25.52 -11.97
N ASP A 138 3.33 -25.10 -12.77
CA ASP A 138 2.76 -25.96 -13.80
C ASP A 138 3.58 -25.77 -15.08
N MET A 139 4.84 -25.38 -14.92
CA MET A 139 5.70 -25.17 -16.07
C MET A 139 7.06 -25.72 -15.77
N VAL A 140 7.21 -26.23 -14.54
CA VAL A 140 8.47 -26.77 -14.13
C VAL A 140 8.29 -28.00 -13.27
N ASP A 141 8.64 -29.16 -13.82
CA ASP A 141 8.57 -30.38 -13.04
C ASP A 141 10.02 -30.81 -12.95
N ASP A 142 10.59 -30.50 -11.80
CA ASP A 142 11.97 -30.78 -11.47
C ASP A 142 12.10 -30.36 -10.02
N GLU A 143 11.43 -31.13 -9.16
CA GLU A 143 11.42 -30.91 -7.71
C GLU A 143 12.73 -30.33 -7.20
N GLU A 144 13.78 -30.41 -8.01
CA GLU A 144 15.09 -29.89 -7.64
C GLU A 144 15.29 -28.46 -8.11
N LEU A 145 14.44 -27.98 -9.02
CA LEU A 145 14.58 -26.62 -9.50
C LEU A 145 14.01 -25.74 -8.41
N LEU A 146 12.79 -26.06 -7.98
CA LEU A 146 12.14 -25.34 -6.89
C LEU A 146 13.13 -25.21 -5.73
N GLU A 147 13.66 -26.34 -5.26
CA GLU A 147 14.63 -26.33 -4.18
C GLU A 147 15.60 -25.18 -4.41
N LEU A 148 16.19 -25.16 -5.60
CA LEU A 148 17.14 -24.13 -5.95
C LEU A 148 16.58 -22.71 -5.81
N VAL A 149 15.48 -22.42 -6.50
CA VAL A 149 14.89 -21.07 -6.46
C VAL A 149 14.47 -20.63 -5.06
N GLU A 150 13.67 -21.45 -4.38
CA GLU A 150 13.24 -21.10 -3.03
C GLU A 150 14.49 -20.74 -2.25
N MET A 151 15.45 -21.66 -2.26
CA MET A 151 16.70 -21.45 -1.54
C MET A 151 17.34 -20.12 -1.91
N GLU A 152 16.88 -19.49 -3.00
CA GLU A 152 17.46 -18.21 -3.38
C GLU A 152 16.52 -17.03 -3.16
N VAL A 153 15.23 -17.30 -3.03
CA VAL A 153 14.24 -16.26 -2.75
C VAL A 153 14.48 -15.92 -1.29
N ARG A 154 14.65 -16.94 -0.46
CA ARG A 154 14.90 -16.72 0.94
C ARG A 154 16.14 -15.86 1.09
N GLU A 155 17.29 -16.41 0.72
CA GLU A 155 18.55 -15.67 0.82
C GLU A 155 18.34 -14.20 0.45
N LEU A 156 17.46 -13.96 -0.52
CA LEU A 156 17.15 -12.59 -0.96
C LEU A 156 16.47 -11.85 0.18
N LEU A 157 15.22 -12.24 0.45
CA LEU A 157 14.46 -11.65 1.53
C LEU A 157 15.40 -11.28 2.70
N SER A 158 15.89 -12.31 3.39
CA SER A 158 16.79 -12.11 4.51
C SER A 158 17.99 -11.20 4.21
N GLN A 159 18.11 -10.72 2.99
CA GLN A 159 19.21 -9.83 2.66
C GLN A 159 18.75 -8.40 2.95
N TYR A 160 17.45 -8.18 2.89
CA TYR A 160 16.85 -6.87 3.16
C TYR A 160 16.34 -6.87 4.60
N ASP A 161 16.50 -8.01 5.26
CA ASP A 161 16.11 -8.21 6.64
C ASP A 161 14.69 -8.65 6.89
N PHE A 162 14.32 -9.80 6.35
CA PHE A 162 13.01 -10.33 6.60
C PHE A 162 13.16 -11.70 7.24
N PRO A 163 12.05 -12.37 7.53
CA PRO A 163 12.22 -13.69 8.14
C PRO A 163 12.92 -14.64 7.18
N GLY A 164 12.39 -14.75 5.97
CA GLY A 164 12.98 -15.60 4.97
C GLY A 164 12.93 -17.08 5.31
N ASP A 165 13.67 -17.46 6.34
CA ASP A 165 13.70 -18.83 6.77
C ASP A 165 12.31 -19.14 7.26
N ASP A 166 11.93 -18.55 8.39
CA ASP A 166 10.61 -18.76 8.97
C ASP A 166 9.53 -18.42 7.97
N THR A 167 9.92 -17.81 6.85
CA THR A 167 8.99 -17.39 5.80
C THR A 167 8.26 -18.50 5.06
N PRO A 168 6.93 -18.50 5.14
CA PRO A 168 6.14 -19.53 4.47
C PRO A 168 6.20 -19.36 2.95
N ILE A 169 6.15 -20.48 2.23
CA ILE A 169 6.18 -20.43 0.77
C ILE A 169 5.26 -21.46 0.15
N VAL A 170 4.17 -21.00 -0.46
CA VAL A 170 3.25 -21.91 -1.11
C VAL A 170 3.91 -22.29 -2.43
N ARG A 171 3.40 -23.34 -3.06
CA ARG A 171 3.88 -23.84 -4.37
C ARG A 171 2.67 -24.16 -5.21
N GLY A 172 2.32 -23.25 -6.12
CA GLY A 172 1.16 -23.49 -6.95
C GLY A 172 1.14 -22.71 -8.24
N SER A 173 0.01 -22.77 -8.92
CA SER A 173 -0.18 -22.08 -10.18
C SER A 173 -1.50 -21.34 -10.20
N ALA A 174 -1.44 -20.06 -10.55
CA ALA A 174 -2.64 -19.24 -10.58
C ALA A 174 -3.70 -19.66 -11.65
N LEU A 175 -3.38 -19.49 -12.93
CA LEU A 175 -4.35 -19.84 -13.95
C LEU A 175 -4.81 -21.29 -13.84
N LYS A 176 -3.93 -22.16 -13.38
CA LYS A 176 -4.34 -23.55 -13.23
C LYS A 176 -5.54 -23.49 -12.29
N ALA A 177 -5.29 -23.05 -11.05
CA ALA A 177 -6.34 -22.92 -10.07
C ALA A 177 -7.48 -22.20 -10.77
N LEU A 178 -7.32 -20.90 -10.97
CA LEU A 178 -8.36 -20.10 -11.61
C LEU A 178 -9.18 -20.88 -12.64
N GLU A 179 -8.54 -21.76 -13.38
CA GLU A 179 -9.25 -22.52 -14.37
C GLU A 179 -10.15 -23.57 -13.72
N GLY A 180 -9.60 -24.37 -12.80
CA GLY A 180 -10.42 -25.38 -12.16
C GLY A 180 -9.66 -26.55 -11.57
N ASP A 181 -8.63 -27.01 -12.26
CA ASP A 181 -7.84 -28.12 -11.78
C ASP A 181 -7.65 -28.00 -10.27
N ALA A 182 -8.43 -28.81 -9.55
CA ALA A 182 -8.40 -28.82 -8.11
C ALA A 182 -7.05 -29.19 -7.46
N GLU A 183 -6.15 -29.84 -8.19
CA GLU A 183 -4.87 -30.18 -7.58
C GLU A 183 -4.16 -28.87 -7.21
N TRP A 184 -4.63 -27.79 -7.82
CA TRP A 184 -4.05 -26.47 -7.57
C TRP A 184 -4.95 -25.61 -6.71
N GLU A 185 -6.26 -25.69 -6.94
CA GLU A 185 -7.20 -24.92 -6.14
C GLU A 185 -6.75 -25.08 -4.70
N ALA A 186 -6.35 -26.30 -4.37
CA ALA A 186 -5.89 -26.62 -3.03
C ALA A 186 -4.73 -25.70 -2.64
N LYS A 187 -3.77 -25.55 -3.53
CA LYS A 187 -2.64 -24.69 -3.26
C LYS A 187 -3.04 -23.23 -3.00
N ILE A 188 -4.14 -22.80 -3.61
CA ILE A 188 -4.59 -21.44 -3.41
C ILE A 188 -4.89 -21.31 -1.91
N LEU A 189 -5.54 -22.34 -1.36
CA LEU A 189 -5.87 -22.34 0.06
C LEU A 189 -4.65 -22.46 0.94
N GLU A 190 -3.69 -23.33 0.57
CA GLU A 190 -2.48 -23.45 1.39
C GLU A 190 -1.84 -22.06 1.59
N LEU A 191 -2.32 -21.09 0.82
CA LEU A 191 -1.83 -19.72 0.92
C LEU A 191 -2.88 -18.94 1.68
N ALA A 192 -4.08 -18.97 1.11
CA ALA A 192 -5.18 -18.29 1.73
C ALA A 192 -5.25 -18.81 3.17
N GLY A 193 -4.45 -19.83 3.46
CA GLY A 193 -4.44 -20.38 4.80
C GLY A 193 -3.42 -19.72 5.70
N PHE A 194 -2.36 -19.18 5.11
CA PHE A 194 -1.30 -18.53 5.88
C PHE A 194 -1.57 -17.05 6.17
N LEU A 195 -2.52 -16.47 5.43
CA LEU A 195 -2.87 -15.08 5.64
C LEU A 195 -3.56 -14.93 7.00
N ASP A 196 -3.83 -16.05 7.64
CA ASP A 196 -4.47 -16.07 8.96
C ASP A 196 -3.44 -16.68 9.90
N SER A 197 -2.90 -17.82 9.49
CA SER A 197 -1.91 -18.51 10.30
C SER A 197 -0.71 -17.60 10.54
N TYR A 198 -0.45 -16.72 9.59
CA TYR A 198 0.73 -15.89 9.70
C TYR A 198 0.53 -14.42 10.00
N ILE A 199 -0.63 -13.86 9.64
CA ILE A 199 -0.91 -12.42 9.87
C ILE A 199 0.19 -11.76 10.69
N PRO A 200 0.05 -11.72 12.04
CA PRO A 200 -0.98 -12.16 12.99
C PRO A 200 -1.78 -10.98 13.53
N GLU A 201 -3.12 -11.07 13.53
CA GLU A 201 -4.03 -10.01 14.04
C GLU A 201 -3.47 -8.57 14.08
N PRO A 202 -4.16 -7.60 13.46
CA PRO A 202 -3.67 -6.23 13.47
C PRO A 202 -4.18 -5.33 14.60
N GLU A 203 -3.28 -4.62 15.28
CA GLU A 203 -3.71 -3.72 16.35
C GLU A 203 -4.37 -2.50 15.72
N ARG A 204 -5.58 -2.18 16.13
CA ARG A 204 -6.26 -1.01 15.57
C ARG A 204 -6.32 0.10 16.60
N ALA A 205 -6.04 1.32 16.16
CA ALA A 205 -6.04 2.51 17.02
C ALA A 205 -7.29 2.77 17.84
N ILE A 206 -8.34 3.26 17.18
CA ILE A 206 -9.62 3.59 17.83
C ILE A 206 -9.56 4.52 19.06
N ASP A 207 -8.59 4.35 19.96
CA ASP A 207 -8.51 5.20 21.15
C ASP A 207 -7.98 6.60 20.83
N LYS A 208 -8.16 7.04 19.59
CA LYS A 208 -7.68 8.35 19.17
C LYS A 208 -8.64 9.03 18.17
N PRO A 209 -8.37 10.28 17.78
CA PRO A 209 -9.18 11.06 16.82
C PRO A 209 -9.19 10.58 15.39
N PHE A 210 -10.26 10.86 14.67
CA PHE A 210 -10.39 10.43 13.27
C PHE A 210 -9.42 11.08 12.30
N LEU A 211 -9.00 10.28 11.32
CA LEU A 211 -8.06 10.71 10.29
C LEU A 211 -7.92 9.62 9.25
N LEU A 212 -8.09 9.98 7.99
CA LEU A 212 -7.95 9.03 6.90
C LEU A 212 -7.23 9.68 5.72
N PRO A 213 -6.01 9.21 5.42
CA PRO A 213 -5.27 9.77 4.30
C PRO A 213 -5.95 9.29 3.05
N ILE A 214 -6.43 10.23 2.25
CA ILE A 214 -7.13 9.94 1.03
C ILE A 214 -6.21 9.30 0.01
N GLU A 215 -6.69 8.31 -0.73
CA GLU A 215 -5.84 7.70 -1.71
C GLU A 215 -6.53 7.39 -3.01
N ASP A 216 -7.77 7.83 -3.13
CA ASP A 216 -8.50 7.60 -4.37
C ASP A 216 -9.81 8.36 -4.26
N VAL A 217 -10.26 8.92 -5.38
CA VAL A 217 -11.47 9.69 -5.38
C VAL A 217 -12.38 9.30 -6.51
N PHE A 218 -13.67 9.14 -6.21
CA PHE A 218 -14.65 8.79 -7.22
C PHE A 218 -15.89 9.68 -7.15
N SER A 219 -16.66 9.68 -8.23
CA SER A 219 -17.89 10.46 -8.32
C SER A 219 -19.09 9.59 -8.73
N ILE A 220 -19.68 8.92 -7.74
CA ILE A 220 -20.83 8.04 -7.93
C ILE A 220 -22.03 8.82 -8.46
N SER A 221 -22.53 8.41 -9.61
CA SER A 221 -23.65 9.10 -10.23
C SER A 221 -24.84 9.23 -9.29
N GLY A 222 -25.20 8.13 -8.64
CA GLY A 222 -26.34 8.22 -7.76
C GLY A 222 -26.15 9.12 -6.56
N ARG A 223 -25.03 8.95 -5.86
CA ARG A 223 -24.76 9.71 -4.65
C ARG A 223 -24.03 11.04 -4.72
N GLY A 224 -22.71 11.03 -4.56
CA GLY A 224 -21.95 12.26 -4.59
C GLY A 224 -20.50 11.96 -4.87
N THR A 225 -19.61 12.71 -4.24
CA THR A 225 -18.16 12.49 -4.44
C THR A 225 -17.64 11.54 -3.38
N VAL A 226 -16.85 10.55 -3.76
CA VAL A 226 -16.35 9.62 -2.76
C VAL A 226 -14.83 9.56 -2.67
N VAL A 227 -14.31 9.41 -1.46
CA VAL A 227 -12.87 9.28 -1.28
C VAL A 227 -12.64 7.99 -0.49
N THR A 228 -11.60 7.26 -0.85
CA THR A 228 -11.30 6.00 -0.20
C THR A 228 -9.95 6.02 0.49
N GLY A 229 -9.69 5.04 1.34
CA GLY A 229 -8.43 5.00 2.04
C GLY A 229 -8.51 4.15 3.29
N ARG A 230 -7.34 3.84 3.86
CA ARG A 230 -7.23 3.05 5.08
C ARG A 230 -7.27 3.97 6.28
N VAL A 231 -8.37 3.92 7.03
CA VAL A 231 -8.50 4.76 8.20
C VAL A 231 -7.28 4.65 9.12
N GLU A 232 -6.56 5.75 9.30
CA GLU A 232 -5.37 5.74 10.12
C GLU A 232 -5.69 5.40 11.57
N ARG A 233 -6.69 6.05 12.12
CA ARG A 233 -7.12 5.81 13.49
C ARG A 233 -8.50 6.35 13.73
N GLY A 234 -9.06 6.01 14.90
CA GLY A 234 -10.38 6.49 15.25
C GLY A 234 -11.52 5.86 14.49
N ILE A 235 -12.59 6.62 14.31
CA ILE A 235 -13.76 6.12 13.60
C ILE A 235 -14.48 7.32 12.98
N ILE A 236 -15.33 7.10 11.97
CA ILE A 236 -16.11 8.22 11.43
C ILE A 236 -17.57 7.79 11.40
N LYS A 237 -18.33 8.18 12.41
CA LYS A 237 -19.71 7.82 12.40
C LYS A 237 -20.33 8.70 11.32
N VAL A 238 -21.01 8.09 10.37
CA VAL A 238 -21.63 8.84 9.29
C VAL A 238 -22.55 9.91 9.85
N GLY A 239 -22.38 11.12 9.34
CA GLY A 239 -23.17 12.23 9.82
C GLY A 239 -22.29 13.13 10.67
N GLU A 240 -21.03 12.72 10.89
CA GLU A 240 -20.07 13.51 11.67
C GLU A 240 -19.48 14.59 10.78
N GLU A 241 -18.67 15.46 11.36
CA GLU A 241 -18.07 16.51 10.58
C GLU A 241 -16.61 16.20 10.33
N VAL A 242 -16.16 16.51 9.11
CA VAL A 242 -14.79 16.26 8.71
C VAL A 242 -14.14 17.49 8.05
N GLU A 243 -12.82 17.50 8.02
CA GLU A 243 -12.10 18.58 7.37
C GLU A 243 -11.19 17.91 6.34
N ILE A 244 -11.20 18.42 5.12
CA ILE A 244 -10.33 17.87 4.10
C ILE A 244 -9.11 18.75 4.26
N VAL A 245 -8.09 18.25 4.96
CA VAL A 245 -6.88 19.04 5.22
C VAL A 245 -5.66 18.87 4.31
N GLY A 246 -4.95 19.98 4.07
CA GLY A 246 -3.74 19.95 3.26
C GLY A 246 -3.81 20.09 1.74
N ILE A 247 -2.69 20.49 1.15
CA ILE A 247 -2.56 20.67 -0.30
C ILE A 247 -3.35 21.83 -0.84
N LYS A 248 -4.67 21.80 -0.67
CA LYS A 248 -5.51 22.87 -1.16
C LYS A 248 -5.96 23.62 0.07
N GLU A 249 -6.82 24.62 -0.10
CA GLU A 249 -7.33 25.38 1.03
C GLU A 249 -8.22 24.43 1.84
N THR A 250 -8.02 24.38 3.16
CA THR A 250 -8.82 23.49 4.01
C THR A 250 -10.30 23.61 3.72
N GLN A 251 -10.98 22.46 3.63
CA GLN A 251 -12.40 22.44 3.36
C GLN A 251 -13.16 21.73 4.46
N LYS A 252 -14.35 22.23 4.76
CA LYS A 252 -15.16 21.61 5.81
C LYS A 252 -16.30 20.84 5.17
N SER A 253 -16.59 19.68 5.74
CA SER A 253 -17.65 18.81 5.22
C SER A 253 -18.20 17.85 6.27
N THR A 254 -19.33 17.25 5.95
CA THR A 254 -19.98 16.31 6.85
C THR A 254 -20.08 14.97 6.13
N CYS A 255 -19.82 13.89 6.86
CA CYS A 255 -19.90 12.57 6.26
C CYS A 255 -21.33 12.34 5.84
N THR A 256 -21.53 11.49 4.85
CA THR A 256 -22.87 11.25 4.37
C THR A 256 -22.96 9.81 3.85
N GLY A 257 -22.00 9.01 4.28
CA GLY A 257 -21.95 7.62 3.90
C GLY A 257 -20.58 7.04 4.18
N VAL A 258 -20.52 5.72 4.29
CA VAL A 258 -19.26 5.03 4.55
C VAL A 258 -19.44 3.61 4.11
N GLU A 259 -19.10 3.28 2.88
CA GLU A 259 -19.26 1.90 2.43
C GLU A 259 -17.97 1.11 2.64
N MET A 260 -18.12 -0.21 2.56
CA MET A 260 -17.02 -1.16 2.72
C MET A 260 -17.22 -2.19 1.61
N PHE A 261 -16.64 -1.88 0.46
CA PHE A 261 -16.77 -2.73 -0.71
C PHE A 261 -18.22 -2.73 -1.15
N ARG A 262 -18.71 -1.64 -1.74
CA ARG A 262 -20.09 -1.60 -2.19
C ARG A 262 -21.16 -2.09 -1.20
N LYS A 263 -20.80 -2.25 0.06
CA LYS A 263 -21.74 -2.71 1.08
C LYS A 263 -21.88 -1.66 2.18
N LEU A 264 -23.05 -1.01 2.23
CA LEU A 264 -23.35 0.04 3.21
C LEU A 264 -22.76 -0.16 4.58
N LEU A 265 -22.49 0.94 5.28
CA LEU A 265 -21.93 0.91 6.64
C LEU A 265 -22.34 2.18 7.39
N ASP A 266 -22.18 2.15 8.71
CA ASP A 266 -22.52 3.30 9.54
C ASP A 266 -21.27 3.91 10.17
N GLU A 267 -20.17 3.17 10.13
CA GLU A 267 -18.92 3.63 10.68
C GLU A 267 -17.75 3.06 9.88
N GLY A 268 -16.56 3.54 10.19
CA GLY A 268 -15.35 3.05 9.55
C GLY A 268 -14.25 3.10 10.58
N ARG A 269 -13.88 1.96 11.13
CA ARG A 269 -12.85 1.94 12.14
C ARG A 269 -11.47 1.68 11.58
N ALA A 270 -10.47 2.20 12.29
CA ALA A 270 -9.08 2.06 11.91
C ALA A 270 -8.79 0.76 11.24
N GLY A 271 -7.99 0.80 10.17
CA GLY A 271 -7.61 -0.39 9.44
C GLY A 271 -8.52 -0.87 8.32
N GLU A 272 -9.63 -0.18 8.08
CA GLU A 272 -10.51 -0.63 7.03
C GLU A 272 -10.41 0.34 5.86
N ASN A 273 -10.08 -0.16 4.67
CA ASN A 273 -10.01 0.73 3.52
C ASN A 273 -11.48 0.91 3.27
N VAL A 274 -11.98 2.13 3.35
CA VAL A 274 -13.41 2.35 3.13
C VAL A 274 -13.64 3.60 2.32
N GLY A 275 -14.87 3.78 1.86
CA GLY A 275 -15.19 4.97 1.07
C GLY A 275 -15.99 5.94 1.91
N VAL A 276 -15.97 7.22 1.53
CA VAL A 276 -16.72 8.26 2.26
C VAL A 276 -17.55 9.11 1.30
N LEU A 277 -18.56 9.82 1.79
CA LEU A 277 -19.36 10.60 0.87
C LEU A 277 -19.10 12.12 0.82
N LEU A 278 -18.73 12.76 1.93
CA LEU A 278 -18.46 14.21 1.89
C LEU A 278 -19.45 14.96 0.99
N ARG A 279 -20.46 15.63 1.58
CA ARG A 279 -21.42 16.35 0.77
C ARG A 279 -20.94 17.73 0.36
N GLY A 280 -21.39 18.21 -0.79
CA GLY A 280 -20.99 19.52 -1.24
C GLY A 280 -19.64 19.58 -1.92
N ILE A 281 -18.85 18.52 -1.79
CA ILE A 281 -17.52 18.48 -2.42
C ILE A 281 -17.58 17.82 -3.79
N LYS A 282 -17.15 18.54 -4.81
CA LYS A 282 -17.15 18.00 -6.16
C LYS A 282 -15.86 17.21 -6.38
N ARG A 283 -15.71 16.53 -7.51
CA ARG A 283 -14.49 15.74 -7.75
C ARG A 283 -13.30 16.67 -7.80
N GLU A 284 -13.42 17.75 -8.56
CA GLU A 284 -12.32 18.70 -8.70
C GLU A 284 -12.17 19.66 -7.51
N GLU A 285 -12.11 19.12 -6.30
CA GLU A 285 -11.95 19.98 -5.11
C GLU A 285 -11.24 19.20 -4.01
N ILE A 286 -10.99 17.93 -4.28
CA ILE A 286 -10.34 17.04 -3.33
C ILE A 286 -9.43 16.10 -4.12
N GLU A 287 -8.30 15.72 -3.55
CA GLU A 287 -7.41 14.81 -4.25
C GLU A 287 -6.56 13.93 -3.34
N ARG A 288 -5.98 12.90 -3.94
CA ARG A 288 -5.15 11.99 -3.18
C ARG A 288 -4.02 12.72 -2.52
N GLY A 289 -3.77 12.36 -1.27
CA GLY A 289 -2.72 13.01 -0.51
C GLY A 289 -3.34 13.76 0.63
N GLN A 290 -4.54 14.28 0.40
CA GLN A 290 -5.25 15.01 1.42
C GLN A 290 -5.80 14.09 2.50
N VAL A 291 -5.92 14.61 3.72
CA VAL A 291 -6.45 13.79 4.80
C VAL A 291 -7.80 14.30 5.25
N LEU A 292 -8.66 13.35 5.59
CA LEU A 292 -10.01 13.59 6.06
C LEU A 292 -9.86 13.47 7.58
N ALA A 293 -10.40 14.40 8.37
CA ALA A 293 -10.23 14.24 9.81
C ALA A 293 -11.17 15.00 10.74
N LYS A 294 -11.02 14.75 12.04
CA LYS A 294 -11.81 15.42 13.05
C LYS A 294 -11.38 16.84 13.00
N PRO A 295 -12.33 17.75 12.73
CA PRO A 295 -12.02 19.18 12.65
C PRO A 295 -11.18 19.74 13.80
N GLY A 296 -10.15 20.50 13.42
CA GLY A 296 -9.26 21.13 14.40
C GLY A 296 -8.20 20.28 15.06
N THR A 297 -8.06 19.05 14.61
CA THR A 297 -7.09 18.13 15.18
C THR A 297 -5.86 18.10 14.33
N ILE A 298 -5.92 18.78 13.20
CA ILE A 298 -4.76 18.78 12.34
C ILE A 298 -4.78 19.94 11.37
N LYS A 299 -3.68 20.70 11.34
CA LYS A 299 -3.59 21.83 10.45
C LYS A 299 -2.55 21.52 9.37
N PRO A 300 -2.59 22.27 8.26
CA PRO A 300 -1.63 22.05 7.18
C PRO A 300 -0.35 22.85 7.43
N HIS A 301 0.73 22.53 6.72
CA HIS A 301 2.00 23.22 6.89
C HIS A 301 2.90 23.18 5.65
N THR A 302 3.93 24.03 5.66
CA THR A 302 4.83 24.10 4.52
C THR A 302 6.29 23.96 4.87
N LYS A 303 6.71 24.68 5.91
CA LYS A 303 8.10 24.66 6.36
C LYS A 303 8.19 23.95 7.69
N PHE A 304 9.25 23.19 7.89
CA PHE A 304 9.45 22.46 9.12
C PHE A 304 10.87 21.91 9.20
N GLU A 305 11.46 21.97 10.41
CA GLU A 305 12.80 21.47 10.69
C GLU A 305 12.69 19.98 10.84
N SER A 306 13.67 19.24 10.33
CA SER A 306 13.59 17.79 10.46
C SER A 306 14.90 17.17 10.92
N GLU A 307 14.81 15.89 11.21
CA GLU A 307 15.95 15.12 11.64
C GLU A 307 15.90 13.94 10.69
N VAL A 308 16.86 13.90 9.77
CA VAL A 308 16.85 12.85 8.77
C VAL A 308 18.10 12.02 8.62
N TYR A 309 17.91 10.73 8.37
CA TYR A 309 19.02 9.84 8.13
C TYR A 309 19.06 9.62 6.63
N ILE A 310 20.14 10.05 5.99
CA ILE A 310 20.28 9.87 4.56
C ILE A 310 20.89 8.49 4.34
N LEU A 311 20.15 7.52 3.83
CA LEU A 311 20.77 6.22 3.63
C LEU A 311 22.04 6.32 2.77
N SER A 312 22.89 5.31 2.89
CA SER A 312 24.14 5.21 2.14
C SER A 312 23.89 4.42 0.86
N LYS A 313 24.91 4.30 0.02
CA LYS A 313 24.80 3.57 -1.25
C LYS A 313 24.44 2.15 -0.89
N ASP A 314 25.17 1.61 0.07
CA ASP A 314 25.00 0.26 0.55
C ASP A 314 23.58 -0.02 1.01
N GLU A 315 22.74 1.00 0.93
CA GLU A 315 21.35 0.89 1.34
C GLU A 315 20.48 1.34 0.16
N GLY A 316 21.16 1.54 -0.97
CA GLY A 316 20.48 1.96 -2.19
C GLY A 316 20.17 3.45 -2.22
N GLY A 317 21.11 4.28 -1.78
CA GLY A 317 20.89 5.71 -1.76
C GLY A 317 21.85 6.52 -2.60
N ARG A 318 22.00 7.80 -2.29
CA ARG A 318 22.92 8.60 -3.08
C ARG A 318 24.33 8.04 -2.86
N HIS A 319 25.29 8.57 -3.61
CA HIS A 319 26.69 8.20 -3.44
C HIS A 319 27.50 9.46 -3.59
N THR A 320 26.79 10.55 -3.87
CA THR A 320 27.40 11.87 -3.99
C THR A 320 26.68 12.77 -2.99
N PRO A 321 27.41 13.67 -2.34
CA PRO A 321 26.73 14.54 -1.37
C PRO A 321 25.69 15.49 -2.00
N PHE A 322 24.90 16.14 -1.15
CA PHE A 322 23.93 17.13 -1.61
C PHE A 322 24.13 18.40 -0.78
N PHE A 323 23.67 19.55 -1.28
CA PHE A 323 23.86 20.81 -0.55
C PHE A 323 22.63 21.67 -0.60
N LYS A 324 22.75 22.89 -0.09
CA LYS A 324 21.64 23.83 -0.08
C LYS A 324 20.98 23.80 -1.43
N GLY A 325 19.66 23.74 -1.44
CA GLY A 325 18.93 23.74 -2.69
C GLY A 325 18.48 22.38 -3.18
N TYR A 326 19.08 21.32 -2.66
CA TYR A 326 18.66 20.01 -3.08
C TYR A 326 17.17 19.99 -2.87
N ARG A 327 16.42 19.48 -3.83
CA ARG A 327 14.98 19.41 -3.64
C ARG A 327 14.34 18.16 -4.19
N PRO A 328 14.38 17.09 -3.40
CA PRO A 328 13.81 15.79 -3.72
C PRO A 328 12.33 15.72 -3.37
N GLN A 329 11.79 14.52 -3.29
CA GLN A 329 10.40 14.41 -2.94
C GLN A 329 10.21 13.81 -1.57
N PHE A 330 9.43 14.50 -0.74
CA PHE A 330 9.13 14.05 0.62
C PHE A 330 7.78 13.32 0.62
N TYR A 331 7.81 12.05 1.01
CA TYR A 331 6.61 11.21 1.05
C TYR A 331 5.90 11.26 2.39
N PHE A 332 4.66 11.76 2.38
CA PHE A 332 3.82 11.90 3.57
C PHE A 332 2.51 11.12 3.47
N ARG A 333 2.42 10.02 4.19
CA ARG A 333 1.23 9.21 4.14
C ARG A 333 0.93 8.75 2.73
N THR A 334 -0.14 9.23 2.11
CA THR A 334 -0.47 8.72 0.78
C THR A 334 0.08 9.42 -0.43
N THR A 335 1.08 10.28 -0.25
CA THR A 335 1.74 10.95 -1.38
C THR A 335 3.11 11.49 -1.05
N ASP A 336 3.58 12.32 -1.97
CA ASP A 336 4.88 12.95 -1.87
C ASP A 336 4.76 14.34 -2.44
N VAL A 337 5.74 15.17 -2.10
CA VAL A 337 5.76 16.51 -2.62
C VAL A 337 7.17 17.05 -2.59
N THR A 338 7.54 17.76 -3.63
CA THR A 338 8.86 18.31 -3.72
C THR A 338 8.95 19.43 -2.73
N GLY A 339 10.04 19.44 -1.97
CA GLY A 339 10.29 20.48 -0.98
C GLY A 339 11.75 20.77 -1.10
N THR A 340 12.21 21.96 -0.69
CA THR A 340 13.64 22.31 -0.80
C THR A 340 14.40 22.26 0.51
N ILE A 341 15.65 21.81 0.47
CA ILE A 341 16.46 21.73 1.68
C ILE A 341 17.19 23.02 1.97
N GLU A 342 17.57 23.20 3.23
CA GLU A 342 18.33 24.35 3.69
C GLU A 342 19.14 23.76 4.84
N LEU A 343 20.46 23.68 4.68
CA LEU A 343 21.31 23.13 5.73
C LEU A 343 21.55 24.11 6.86
N PRO A 344 22.12 23.63 7.98
CA PRO A 344 22.41 24.47 9.15
C PRO A 344 23.66 25.33 9.02
N GLU A 345 23.59 26.58 9.48
CA GLU A 345 24.77 27.42 9.45
C GLU A 345 25.73 26.51 10.19
N GLY A 346 26.77 26.05 9.52
CA GLY A 346 27.69 25.16 10.20
C GLY A 346 27.58 23.73 9.70
N VAL A 347 27.24 23.63 8.43
CA VAL A 347 27.11 22.36 7.71
C VAL A 347 27.03 22.79 6.25
N GLU A 348 27.90 22.22 5.42
CA GLU A 348 27.95 22.60 4.03
C GLU A 348 27.53 21.51 3.08
N MET A 349 27.58 20.27 3.55
CA MET A 349 27.22 19.14 2.71
C MET A 349 26.69 17.97 3.51
N VAL A 350 26.00 17.07 2.83
CA VAL A 350 25.47 15.88 3.47
C VAL A 350 25.94 14.66 2.69
N MET A 351 26.61 13.72 3.35
CA MET A 351 27.10 12.52 2.68
C MET A 351 26.14 11.37 2.92
N PRO A 352 25.92 10.52 1.91
CA PRO A 352 25.01 9.40 2.15
C PRO A 352 25.52 8.66 3.39
N GLY A 353 24.61 8.33 4.30
CA GLY A 353 25.00 7.67 5.53
C GLY A 353 24.89 8.62 6.70
N ASP A 354 25.27 9.88 6.49
CA ASP A 354 25.20 10.94 7.49
C ASP A 354 23.80 11.08 8.05
N ASN A 355 23.70 11.78 9.17
CA ASN A 355 22.42 12.11 9.78
C ASN A 355 22.44 13.60 9.56
N ILE A 356 21.29 14.25 9.60
CA ILE A 356 21.32 15.70 9.40
C ILE A 356 20.05 16.35 9.89
N LYS A 357 20.18 17.58 10.35
CA LYS A 357 19.02 18.33 10.78
C LYS A 357 18.92 19.30 9.63
N MET A 358 17.79 19.34 8.94
CA MET A 358 17.63 20.27 7.84
C MET A 358 16.23 20.84 7.83
N VAL A 359 16.07 22.10 7.41
CA VAL A 359 14.73 22.68 7.35
C VAL A 359 14.17 22.63 5.94
N VAL A 360 13.06 21.91 5.80
CA VAL A 360 12.42 21.71 4.51
C VAL A 360 11.26 22.65 4.26
N THR A 361 11.00 22.95 2.98
CA THR A 361 9.92 23.81 2.56
C THR A 361 9.28 23.23 1.31
N LEU A 362 8.16 22.54 1.51
CA LEU A 362 7.43 21.89 0.42
C LEU A 362 6.74 22.91 -0.47
N ILE A 363 6.53 22.54 -1.71
CA ILE A 363 5.87 23.42 -2.64
C ILE A 363 4.36 23.42 -2.40
N HIS A 364 3.90 22.57 -1.48
CA HIS A 364 2.48 22.44 -1.16
C HIS A 364 2.27 22.19 0.31
N PRO A 365 1.28 22.85 0.90
CA PRO A 365 1.09 22.57 2.32
C PRO A 365 0.61 21.12 2.50
N ILE A 366 0.90 20.55 3.66
CA ILE A 366 0.49 19.18 3.95
C ILE A 366 0.16 18.93 5.42
N ALA A 367 -0.88 18.14 5.65
CA ALA A 367 -1.33 17.82 6.99
C ALA A 367 -0.23 17.20 7.80
N MET A 368 0.37 17.94 8.72
CA MET A 368 1.44 17.35 9.49
C MET A 368 1.59 17.82 10.95
N ASP A 369 1.73 16.86 11.86
CA ASP A 369 1.95 17.16 13.27
C ASP A 369 3.40 16.93 13.60
N ASP A 370 3.93 17.66 14.58
CA ASP A 370 5.31 17.46 14.93
C ASP A 370 5.49 15.98 15.26
N GLY A 371 6.56 15.39 14.76
CA GLY A 371 6.83 13.98 15.00
C GLY A 371 6.48 13.03 13.87
N LEU A 372 5.68 13.53 12.92
CA LEU A 372 5.24 12.74 11.77
C LEU A 372 6.40 12.20 10.95
N ARG A 373 6.44 10.90 10.75
CA ARG A 373 7.55 10.40 9.96
C ARG A 373 7.28 10.55 8.47
N PHE A 374 8.36 10.66 7.70
CA PHE A 374 8.27 10.80 6.25
C PHE A 374 9.48 10.20 5.58
N ALA A 375 9.38 9.99 4.27
CA ALA A 375 10.47 9.41 3.52
C ALA A 375 10.87 10.35 2.41
N ILE A 376 12.09 10.21 1.92
CA ILE A 376 12.62 11.04 0.83
C ILE A 376 13.10 10.20 -0.34
N ARG A 377 12.41 10.24 -1.48
CA ARG A 377 12.86 9.50 -2.65
C ARG A 377 13.24 10.54 -3.71
N GLU A 378 14.26 10.28 -4.50
CA GLU A 378 14.64 11.26 -5.50
C GLU A 378 15.30 10.63 -6.71
N GLY A 379 14.86 11.08 -7.88
CA GLY A 379 15.44 10.54 -9.09
C GLY A 379 15.45 9.03 -9.11
N GLY A 380 14.36 8.40 -8.69
CA GLY A 380 14.33 6.95 -8.75
C GLY A 380 14.55 6.08 -7.52
N ARG A 381 15.38 6.50 -6.58
CA ARG A 381 15.59 5.69 -5.40
C ARG A 381 15.43 6.45 -4.07
N THR A 382 15.05 5.72 -3.02
CA THR A 382 14.90 6.32 -1.69
C THR A 382 16.23 6.91 -1.20
N VAL A 383 16.20 8.22 -1.04
CA VAL A 383 17.33 9.00 -0.62
C VAL A 383 17.55 8.99 0.88
N GLY A 384 16.46 9.02 1.65
CA GLY A 384 16.62 8.98 3.09
C GLY A 384 15.32 8.85 3.85
N ALA A 385 15.45 8.63 5.16
CA ALA A 385 14.30 8.49 6.06
C ALA A 385 14.44 9.51 7.19
N GLY A 386 13.33 10.16 7.53
CA GLY A 386 13.35 11.18 8.56
C GLY A 386 12.01 11.43 9.22
N VAL A 387 11.97 12.43 10.10
CA VAL A 387 10.77 12.80 10.83
C VAL A 387 10.67 14.30 11.06
N VAL A 388 9.43 14.77 11.14
CA VAL A 388 9.14 16.18 11.37
C VAL A 388 9.41 16.46 12.83
N ALA A 389 10.48 17.19 13.09
CA ALA A 389 10.85 17.51 14.45
C ALA A 389 10.16 18.76 14.94
N LYS A 390 10.20 19.82 14.15
CA LYS A 390 9.56 21.04 14.57
C LYS A 390 8.99 21.86 13.44
N VAL A 391 7.67 21.92 13.38
CA VAL A 391 6.99 22.68 12.35
C VAL A 391 7.37 24.15 12.50
N LEU A 392 7.51 24.83 11.37
CA LEU A 392 7.87 26.24 11.33
C LEU A 392 6.80 26.99 10.53
N SER A 393 6.26 26.29 9.54
CA SER A 393 5.22 26.78 8.62
C SER A 393 4.90 28.28 8.76
P 2MG B 10 13.20 39.87 -17.42
OP1 2MG B 10 13.42 41.16 -16.70
OP2 2MG B 10 13.47 38.58 -16.73
O5' 2MG B 10 11.69 39.86 -17.94
C5' 2MG B 10 10.60 39.90 -17.01
C4' 2MG B 10 9.68 41.05 -17.35
O4' 2MG B 10 10.47 42.25 -17.48
C3' 2MG B 10 8.96 40.90 -18.68
O3' 2MG B 10 7.75 40.17 -18.51
C2' 2MG B 10 8.73 42.35 -19.10
O2' 2MG B 10 7.60 42.93 -18.50
C1' 2MG B 10 9.98 43.04 -18.56
N9 2MG B 10 11.04 43.15 -19.55
C8 2MG B 10 12.36 42.79 -19.41
N7 2MG B 10 13.05 42.96 -20.49
C5 2MG B 10 12.15 43.45 -21.41
C6 2MG B 10 12.32 43.78 -22.77
O6 2MG B 10 13.33 43.68 -23.47
N1 2MG B 10 11.15 44.27 -23.34
C2 2MG B 10 9.97 44.42 -22.68
N2 2MG B 10 8.97 44.96 -23.39
CM2 2MG B 10 7.71 45.33 -22.72
N3 2MG B 10 9.79 44.10 -21.41
C4 2MG B 10 10.91 43.62 -20.85
P H2U B 16 19.24 25.39 -33.62
OP1 H2U B 16 19.12 24.94 -35.05
OP2 H2U B 16 18.08 25.26 -32.71
O5' H2U B 16 20.46 24.60 -32.98
C5' H2U B 16 21.81 24.91 -33.36
C4' H2U B 16 22.69 24.97 -32.14
O4' H2U B 16 22.13 25.94 -31.22
C3' H2U B 16 22.74 23.68 -31.33
O3' H2U B 16 23.73 22.79 -31.87
C1' H2U B 16 22.38 25.53 -29.89
C2' H2U B 16 23.11 24.18 -29.93
O2' H2U B 16 24.49 24.41 -29.79
N1 H2U B 16 21.17 25.64 -29.04
C2 H2U B 16 21.27 26.39 -27.89
O2 H2U B 16 22.31 26.91 -27.50
N3 H2U B 16 20.11 26.54 -27.17
C4 H2U B 16 18.84 26.17 -27.55
O4 H2U B 16 17.86 26.62 -26.95
C5 H2U B 16 18.76 25.20 -28.68
C6 H2U B 16 19.85 25.47 -29.70
P H2U B 17 23.31 21.32 -32.37
OP1 H2U B 17 24.34 20.87 -33.34
OP2 H2U B 17 21.88 21.33 -32.79
O5' H2U B 17 23.41 20.39 -31.09
C5' H2U B 17 22.60 20.64 -29.92
C4' H2U B 17 21.87 19.38 -29.51
O4' H2U B 17 20.96 19.01 -30.58
C3' H2U B 17 22.73 18.15 -29.31
O3' H2U B 17 23.28 18.14 -28.00
C1' H2U B 17 20.82 17.60 -30.60
C2' H2U B 17 21.74 17.02 -29.51
O2' H2U B 17 20.96 16.77 -28.36
N1 H2U B 17 20.94 17.09 -32.00
C2 H2U B 17 22.04 16.41 -32.42
O2 H2U B 17 23.14 16.47 -31.87
N3 H2U B 17 21.86 15.62 -33.54
C4 H2U B 17 20.70 15.50 -34.29
O4 H2U B 17 20.72 14.84 -35.34
C5 H2U B 17 19.49 16.19 -33.77
C6 H2U B 17 19.87 17.42 -32.97
P M2G B 26 9.66 51.47 -28.07
OP1 M2G B 26 8.65 52.54 -28.30
OP2 M2G B 26 11.08 51.71 -28.42
O5' M2G B 26 9.59 51.02 -26.54
C5' M2G B 26 8.31 50.75 -25.92
C4' M2G B 26 8.49 50.03 -24.60
O4' M2G B 26 9.14 48.74 -24.82
C3' M2G B 26 9.35 50.71 -23.56
O3' M2G B 26 8.59 51.67 -22.85
C2' M2G B 26 9.81 49.55 -22.68
O2' M2G B 26 8.85 49.17 -21.71
C1' M2G B 26 9.95 48.43 -23.70
N9 M2G B 26 11.33 48.25 -24.17
C8 M2G B 26 11.84 48.58 -25.41
N7 M2G B 26 13.11 48.32 -25.52
C5 M2G B 26 13.47 47.79 -24.29
C6 M2G B 26 14.72 47.34 -23.81
O6 M2G B 26 15.81 47.32 -24.41
N1 M2G B 26 14.64 46.87 -22.50
C2 M2G B 26 13.50 46.86 -21.73
N2 M2G B 26 13.62 46.37 -20.46
N3 M2G B 26 12.31 47.28 -22.17
C4 M2G B 26 12.38 47.73 -23.44
CM1 M2G B 26 14.82 45.65 -20.06
CM2 M2G B 26 12.56 46.59 -19.47
N1 OMC B 32 17.27 67.03 -30.24
C2 OMC B 32 16.05 66.36 -30.41
N3 OMC B 32 15.50 65.71 -29.36
C4 OMC B 32 16.12 65.72 -28.17
C5 OMC B 32 17.35 66.40 -27.97
C6 OMC B 32 17.89 67.03 -29.02
O2 OMC B 32 15.49 66.37 -31.53
N4 OMC B 32 15.54 65.07 -27.15
C1' OMC B 32 17.86 67.74 -31.39
C2' OMC B 32 17.42 69.21 -31.49
O2' OMC B 32 17.15 69.54 -32.84
CM2 OMC B 32 15.77 69.35 -33.10
C3' OMC B 32 18.63 69.93 -30.89
C4' OMC B 32 19.81 69.04 -31.30
O4' OMC B 32 19.27 67.69 -31.30
O3' OMC B 32 18.78 71.26 -31.37
C5' OMC B 32 21.02 69.12 -30.40
O5' OMC B 32 20.64 68.89 -29.02
P OMC B 32 21.69 69.04 -27.84
OP1 OMC B 32 22.50 70.28 -28.07
OP2 OMC B 32 20.96 68.88 -26.55
P OMG B 34 14.14 75.76 -28.82
OP1 OMG B 34 13.84 77.11 -29.35
OP2 OMG B 34 15.55 75.42 -28.43
O5' OMG B 34 13.20 75.49 -27.56
C5' OMG B 34 13.52 76.07 -26.27
C4' OMG B 34 12.44 75.75 -25.25
O4' OMG B 34 11.21 76.46 -25.57
C3' OMG B 34 12.02 74.29 -25.13
O3' OMG B 34 12.92 73.58 -24.28
C2' OMG B 34 10.62 74.38 -24.53
O2' OMG B 34 10.64 74.49 -23.12
CM2 OMG B 34 9.46 73.91 -22.59
C1' OMG B 34 10.11 75.70 -25.13
N9 OMG B 34 9.17 75.54 -26.24
C8 OMG B 34 9.43 75.68 -27.58
N7 OMG B 34 8.38 75.48 -28.34
C5 OMG B 34 7.37 75.18 -27.44
C6 OMG B 34 6.00 74.86 -27.67
O6 OMG B 34 5.40 74.79 -28.75
N1 OMG B 34 5.32 74.64 -26.47
C2 OMG B 34 5.88 74.70 -25.22
N2 OMG B 34 5.06 74.44 -24.19
N3 OMG B 34 7.15 74.98 -25.00
C4 OMG B 34 7.83 75.22 -26.14
N1 YG B 37 8.91 65.50 -33.00
N2 YG B 37 7.55 64.67 -34.61
C2 YG B 37 7.87 64.68 -33.31
N3 YG B 37 7.20 63.95 -32.42
C3 YG B 37 6.04 63.12 -32.80
C4 YG B 37 7.71 64.08 -31.18
C5 YG B 37 8.78 64.86 -30.77
C6 YG B 37 9.46 65.66 -31.73
O6 YG B 37 10.41 66.42 -31.56
N7 YG B 37 8.99 64.72 -29.40
C8 YG B 37 8.08 63.88 -29.00
N9 YG B 37 7.27 63.44 -30.02
C10 YG B 37 8.66 65.63 -36.63
C11 YG B 37 8.57 65.36 -35.20
C12 YG B 37 9.55 65.79 -34.18
C13 YG B 37 10.75 66.73 -34.48
C14 YG B 37 10.15 68.16 -34.52
C15 YG B 37 10.82 69.19 -35.47
C16 YG B 37 9.79 70.30 -35.50
O17 YG B 37 8.75 70.15 -36.15
O18 YG B 37 9.97 71.37 -34.87
C19 YG B 37 9.99 71.32 -33.43
N20 YG B 37 11.01 68.60 -36.84
C21 YG B 37 12.10 68.81 -37.68
O22 YG B 37 12.65 69.92 -37.76
O23 YG B 37 12.54 67.86 -38.34
C24 YG B 37 13.11 66.75 -37.63
C1' YG B 37 6.17 62.47 -29.93
C2' YG B 37 6.59 61.09 -30.42
O2' YG B 37 5.52 60.50 -31.15
C3' YG B 37 6.87 60.37 -29.10
O3' YG B 37 6.72 58.95 -29.22
C4' YG B 37 5.85 60.97 -28.17
O4' YG B 37 5.75 62.36 -28.58
C5' YG B 37 6.15 60.89 -26.69
O5' YG B 37 7.47 61.41 -26.42
P YG B 37 7.82 62.00 -24.98
OP1 YG B 37 7.56 60.93 -23.96
OP2 YG B 37 9.17 62.62 -25.05
N1 PSU B 39 12.65 58.93 -31.14
C2 PSU B 39 13.41 59.70 -30.29
N3 PSU B 39 14.42 60.42 -30.90
C4 PSU B 39 14.72 60.44 -32.25
C5 PSU B 39 13.88 59.61 -33.06
C6 PSU B 39 12.90 58.90 -32.49
O2 PSU B 39 13.21 59.76 -29.09
O4 PSU B 39 15.66 61.13 -32.64
C1' PSU B 39 14.10 59.56 -34.56
C2' PSU B 39 15.19 58.59 -34.99
O2' PSU B 39 15.89 59.13 -36.09
C3' PSU B 39 14.36 57.36 -35.36
C4' PSU B 39 13.14 57.98 -36.01
O3' PSU B 39 15.04 56.48 -36.25
O4' PSU B 39 12.90 59.18 -35.22
C5' PSU B 39 11.89 57.12 -36.04
O5' PSU B 39 11.55 56.65 -34.72
P PSU B 39 10.12 56.01 -34.42
OP1 PSU B 39 9.85 54.96 -35.45
OP2 PSU B 39 10.05 55.65 -32.97
P 5MC B 40 16.20 55.52 -35.71
OP1 5MC B 40 16.63 54.62 -36.80
OP2 5MC B 40 15.75 54.95 -34.41
O5' 5MC B 40 17.40 56.54 -35.41
C5' 5MC B 40 18.04 57.25 -36.48
C4' 5MC B 40 19.21 58.01 -35.95
O4' 5MC B 40 18.75 59.09 -35.10
C3' 5MC B 40 20.13 57.19 -35.06
O3' 5MC B 40 21.07 56.46 -35.84
C2' 5MC B 40 20.77 58.24 -34.17
O2' 5MC B 40 21.89 58.89 -34.74
C1' 5MC B 40 19.62 59.25 -34.00
N1 5MC B 40 18.86 59.07 -32.76
C2 5MC B 40 19.32 59.71 -31.59
O2 5MC B 40 20.36 60.39 -31.64
N3 5MC B 40 18.62 59.56 -30.44
C4 5MC B 40 17.52 58.81 -30.42
N4 5MC B 40 16.87 58.70 -29.25
C5 5MC B 40 17.04 58.15 -31.58
C6 5MC B 40 17.73 58.31 -32.72
CM5 5MC B 40 15.80 57.30 -31.56
P 7MG B 46 20.19 40.31 -15.51
OP1 7MG B 46 19.56 39.81 -14.26
OP2 7MG B 46 21.65 40.53 -15.55
O5' 7MG B 46 19.87 39.29 -16.67
C5' 7MG B 46 20.03 37.89 -16.44
C4' 7MG B 46 18.76 37.18 -16.81
O4' 7MG B 46 18.60 37.29 -18.24
C3' 7MG B 46 18.78 35.70 -16.48
O3' 7MG B 46 17.50 35.29 -16.03
C2' 7MG B 46 19.19 35.05 -17.79
O2' 7MG B 46 18.66 33.75 -17.99
C1' 7MG B 46 18.62 36.01 -18.83
N9 7MG B 46 19.46 36.07 -20.01
C8 7MG B 46 20.84 36.10 -20.05
N7 7MG B 46 21.30 36.10 -21.25
C5 7MG B 46 20.19 36.09 -22.08
C6 7MG B 46 20.08 36.08 -23.48
O6 7MG B 46 20.99 36.05 -24.32
N1 7MG B 46 18.75 36.08 -23.88
C2 7MG B 46 17.67 36.08 -23.05
N2 7MG B 46 16.48 36.09 -23.64
N3 7MG B 46 17.76 36.07 -21.74
C4 7MG B 46 19.04 36.08 -21.32
CM7 7MG B 46 22.72 36.12 -21.66
P 5MC B 49 14.34 27.12 -19.98
OP1 5MC B 49 15.15 25.88 -20.11
OP2 5MC B 49 13.25 27.38 -20.95
O5' 5MC B 49 13.74 27.14 -18.50
C5' 5MC B 49 13.30 28.36 -17.94
C4' 5MC B 49 12.58 28.10 -16.64
O4' 5MC B 49 11.35 27.42 -16.89
C3' 5MC B 49 13.32 27.20 -15.67
O3' 5MC B 49 14.31 27.89 -14.94
C2' 5MC B 49 12.18 26.70 -14.80
O2' 5MC B 49 11.76 27.68 -13.88
C1' 5MC B 49 11.08 26.52 -15.83
N1 5MC B 49 11.08 25.14 -16.38
C2 5MC B 49 10.76 24.07 -15.51
O2 5MC B 49 10.47 24.32 -14.33
N3 5MC B 49 10.77 22.80 -15.99
C4 5MC B 49 11.10 22.58 -17.26
N4 5MC B 49 11.11 21.30 -17.69
C5 5MC B 49 11.43 23.64 -18.15
C6 5MC B 49 11.40 24.89 -17.68
CM5 5MC B 49 11.82 23.36 -19.58
N1 PSU B 55 29.84 15.36 -13.99
C2 PSU B 55 29.50 16.70 -14.02
N3 PSU B 55 29.55 17.27 -15.26
C4 PSU B 55 29.93 16.69 -16.43
C5 PSU B 55 30.31 15.31 -16.32
C6 PSU B 55 30.24 14.70 -15.13
O2 PSU B 55 29.16 17.33 -13.03
O4 PSU B 55 29.93 17.35 -17.47
C1' PSU B 55 30.81 14.58 -17.55
C2' PSU B 55 32.32 14.69 -17.77
O2' PSU B 55 32.55 14.87 -19.16
C3' PSU B 55 32.81 13.35 -17.26
C4' PSU B 55 31.71 12.43 -17.78
O3' PSU B 55 34.09 12.98 -17.76
O4' PSU B 55 30.50 13.19 -17.53
C5' PSU B 55 31.62 11.09 -17.11
O5' PSU B 55 31.70 11.25 -15.69
P PSU B 55 31.32 10.05 -14.73
OP1 PSU B 55 32.22 8.89 -14.96
OP2 PSU B 55 31.23 10.64 -13.37
P 1MA B 58 28.94 21.09 -15.54
OP1 1MA B 58 28.27 22.18 -14.76
OP2 1MA B 58 29.19 19.75 -14.90
O5' 1MA B 58 28.15 20.87 -16.92
C5' 1MA B 58 27.97 21.97 -17.83
C4' 1MA B 58 26.58 21.96 -18.43
O4' 1MA B 58 26.35 20.74 -19.17
C3' 1MA B 58 25.38 22.13 -17.49
O3' 1MA B 58 24.41 22.93 -18.15
C2' 1MA B 58 24.82 20.71 -17.40
O2' 1MA B 58 23.42 20.67 -17.17
C1' 1MA B 58 25.11 20.16 -18.80
N9 1MA B 58 25.23 18.71 -18.88
C8 1MA B 58 25.55 17.79 -17.91
N7 1MA B 58 25.60 16.56 -18.35
C5 1MA B 58 25.28 16.68 -19.70
C6 1MA B 58 25.15 15.74 -20.72
N6 1MA B 58 25.38 14.44 -20.57
N1 1MA B 58 24.79 16.20 -21.95
CM1 1MA B 58 24.61 15.28 -23.07
C2 1MA B 58 24.59 17.51 -22.11
N3 1MA B 58 24.69 18.48 -21.23
C4 1MA B 58 25.04 17.99 -20.03
N PHA B 77 -14.75 -0.35 0.48
CA PHA B 77 -14.13 0.46 -0.57
C PHA B 77 -15.01 0.36 -1.80
O PHA B 77 -15.27 -0.71 -2.31
CB PHA B 77 -12.73 -0.10 -0.87
CG PHA B 77 -12.20 0.30 -2.20
CD1 PHA B 77 -11.64 1.56 -2.40
CD2 PHA B 77 -12.31 -0.56 -3.29
CE1 PHA B 77 -11.22 1.97 -3.64
CE2 PHA B 77 -11.88 -0.15 -4.52
CZ PHA B 77 -11.33 1.12 -4.70
C1 GLC C . -20.52 -12.92 5.02
C2 GLC C . -20.14 -13.70 6.29
C3 GLC C . -18.68 -14.21 6.19
C4 GLC C . -18.57 -15.09 5.01
C5 GLC C . -18.95 -14.33 3.72
C6 GLC C . -18.87 -15.20 2.49
O2 GLC C . -20.31 -12.83 7.43
O3 GLC C . -18.35 -14.93 7.37
O4 GLC C . -17.21 -15.57 4.92
O5 GLC C . -20.33 -13.81 3.86
O6 GLC C . -19.02 -16.60 2.82
C1 FRU C . -20.80 -9.55 5.16
C2 FRU C . -20.16 -10.55 4.19
C3 FRU C . -18.94 -9.98 3.42
C4 FRU C . -19.07 -10.64 2.06
C5 FRU C . -20.60 -10.60 1.89
C6 FRU C . -21.24 -11.50 0.86
O1 FRU C . -21.85 -8.84 4.49
O2 FRU C . -19.68 -11.74 4.92
O3 FRU C . -17.70 -10.28 4.04
O4 FRU C . -18.38 -9.85 1.08
O5 FRU C . -21.10 -10.90 3.20
O6 FRU C . -22.45 -10.96 0.37
C2 KIR D . 18.64 -1.19 -5.16
C3 KIR D . 19.39 -2.25 -4.51
C4 KIR D . 18.70 -3.50 -4.23
C5 KIR D . 17.31 -3.66 -4.57
C6 KIR D . 16.64 -2.56 -5.20
C7 KIR D . 20.84 -2.08 -4.16
C8 KIR D . 21.35 -2.08 -2.72
C20 KIR D . 16.32 1.15 6.13
C21 KIR D . 15.04 1.96 6.22
C24 KIR D . 13.47 4.56 4.14
C25 KIR D . 12.28 5.49 4.02
O4 KIR D . 19.38 -4.51 -3.63
O7 KIR D . 21.64 -1.94 -5.10
C9 KIR D . 20.44 -2.24 -1.67
C10 KIR D . 20.70 -2.26 -0.23
C11 KIR D . 19.63 -2.15 0.57
C12 KIR D . 19.76 -2.15 2.01
C13 KIR D . 18.65 -2.03 2.75
C14 KIR D . 18.72 -2.03 4.28
C15 KIR D . 18.11 -3.28 4.94
C16 KIR D . 17.60 -2.64 6.22
C17 KIR D . 17.54 -1.10 5.89
C19 KIR D . 16.10 -0.43 6.01
C22 KIR D . 14.79 2.85 5.22
C23 KIR D . 13.61 3.72 5.17
O15 KIR D . 16.97 -3.76 4.19
N1 KIR D . 17.31 -1.39 -5.47
O2 KIR D . 19.20 -0.09 -5.42
C41 KIR D . 22.84 -1.89 -2.48
O16 KIR D . 16.30 -3.16 6.57
O18 KIR D . 17.93 -0.93 4.76
C42 KIR D . 15.22 -0.77 4.73
O20 KIR D . 17.09 1.43 7.31
C43 KIR D . 18.09 2.43 7.05
C44 KIR D . 14.09 1.77 7.42
N26 KIR D . 11.16 5.07 4.86
C27 KIR D . 10.61 5.88 5.87
O27 KIR D . 11.06 7.01 6.11
C45 KIR D . 9.72 5.35 8.26
C46 KIR D . 11.04 4.78 8.62
C28 KIR D . 9.45 5.32 6.68
C29 KIR D . 8.09 6.12 6.32
O29 KIR D . 8.28 7.54 6.64
C30 KIR D . 6.87 5.61 7.12
O30 KIR D . 6.71 4.47 6.93
C31 KIR D . 5.66 6.42 6.65
O31 KIR D . 4.48 6.04 7.31
C32 KIR D . 5.46 6.28 5.09
C47 KIR D . 5.09 4.83 4.69
C48 KIR D . 4.29 7.10 4.60
C33 KIR D . 6.80 6.73 4.47
O34 KIR D . 7.82 6.13 4.91
C35 KIR D . 6.83 6.61 2.96
C36 KIR D . 7.68 5.78 2.27
C37 KIR D . 7.64 5.70 0.86
C38 KIR D . 8.46 4.89 0.12
C39 KIR D . 9.52 3.98 0.71
PG GNP E . 1.99 -7.10 -14.05
O1G GNP E . 0.86 -6.86 -13.07
O2G GNP E . 3.07 -6.20 -13.66
O3G GNP E . 1.40 -6.96 -15.41
N3B GNP E . 2.45 -8.69 -13.79
PB GNP E . 1.56 -9.94 -13.18
O1B GNP E . 2.39 -10.83 -12.29
O2B GNP E . 0.30 -9.44 -12.48
O3A GNP E . 1.14 -10.80 -14.42
PA GNP E . -0.27 -11.37 -14.74
O1A GNP E . -0.70 -12.34 -13.70
O2A GNP E . -1.18 -10.20 -14.91
O5' GNP E . 0.01 -12.14 -16.10
C5' GNP E . 1.09 -13.08 -16.27
C4' GNP E . 0.89 -13.91 -17.55
O4' GNP E . 1.33 -15.28 -17.38
C3' GNP E . -0.54 -14.09 -18.08
O3' GNP E . -0.61 -14.34 -19.48
C2' GNP E . -1.04 -15.24 -17.24
O2' GNP E . -2.20 -15.91 -17.68
C1' GNP E . 0.20 -16.12 -17.19
N9 GNP E . 0.30 -16.87 -15.94
C8 GNP E . 0.01 -16.42 -14.68
N7 GNP E . 0.20 -17.30 -13.75
C5 GNP E . 0.62 -18.40 -14.42
C6 GNP E . 0.98 -19.70 -13.92
O6 GNP E . 0.97 -20.06 -12.74
N1 GNP E . 1.39 -20.60 -14.95
C2 GNP E . 1.43 -20.28 -16.30
N2 GNP E . 1.83 -21.24 -17.13
N3 GNP E . 1.09 -19.04 -16.78
C4 GNP E . 0.70 -18.17 -15.79
MG MG F . -0.70 -7.69 -13.66
#